data_7THW
#
_entry.id   7THW
#
_cell.length_a   47.861
_cell.length_b   123.099
_cell.length_c   54.183
_cell.angle_alpha   90.000
_cell.angle_beta   89.965
_cell.angle_gamma   90.000
#
_symmetry.space_group_name_H-M   'P 1 21 1'
#
loop_
_entity.id
_entity.type
_entity.pdbx_description
1 polymer 'Putative OmpA-family membrane protein'
2 non-polymer 'CALCIUM ION'
3 non-polymer 'PHOSPHATE ION'
4 water water
#
_entity_poly.entity_id   1
_entity_poly.type   'polypeptide(L)'
_entity_poly.pdbx_seq_one_letter_code
;SNA(MSE)LLGAWDNAYIAAA(MSE)PLLLLVENIRSWPTRNAAEVRPPIVRELQYFQQHLQKKNYPQEDINHLSYLLCT
YIDGIFNGLQTPDSYNQSLLVEFHRDAWGGEDCFEHLRVY(MSE)NSPKQYREVLEFYDLI(MSE)CLGFDGKYQ(MSE)
IEHGAVLL(MSE)DLRSRLHTQLYGQDATQSLAIAQAVKGSPRRQYIKALKIFT
;
_entity_poly.pdbx_strand_id   A,B,C,D
#
# COMPACT_ATOMS: atom_id res chain seq x y z
N ASN A 2 -3.93 -7.02 -18.27
CA ASN A 2 -3.85 -7.44 -16.88
C ASN A 2 -2.44 -7.21 -16.32
N ALA A 3 -1.44 -7.30 -17.21
CA ALA A 3 -0.05 -7.20 -16.79
C ALA A 3 0.27 -5.87 -16.13
N LEU A 5 -1.70 -3.71 -14.32
CA LEU A 5 -2.18 -3.58 -12.94
C LEU A 5 -1.39 -4.47 -12.00
N LEU A 6 -1.19 -5.74 -12.37
CA LEU A 6 -0.42 -6.64 -11.54
C LEU A 6 1.03 -6.20 -11.43
N GLY A 7 1.64 -5.81 -12.55
CA GLY A 7 3.04 -5.42 -12.52
C GLY A 7 3.30 -4.15 -11.75
N ALA A 8 2.36 -3.21 -11.77
CA ALA A 8 2.60 -1.90 -11.17
C ALA A 8 2.22 -1.83 -9.70
N TRP A 9 1.61 -2.87 -9.14
CA TRP A 9 1.12 -2.78 -7.76
C TRP A 9 2.28 -2.80 -6.76
N ASP A 10 3.40 -3.42 -7.10
CA ASP A 10 4.57 -3.46 -6.23
C ASP A 10 5.57 -2.37 -6.55
N ASN A 11 5.23 -1.45 -7.46
CA ASN A 11 6.15 -0.40 -7.92
C ASN A 11 6.14 0.75 -6.93
N ALA A 12 7.21 0.87 -6.14
CA ALA A 12 7.25 1.90 -5.10
C ALA A 12 7.21 3.31 -5.68
N TYR A 13 7.69 3.50 -6.90
CA TYR A 13 7.56 4.82 -7.54
C TYR A 13 6.10 5.15 -7.80
N ILE A 14 5.35 4.20 -8.36
CA ILE A 14 3.95 4.45 -8.69
C ILE A 14 3.13 4.62 -7.41
N ALA A 15 3.42 3.82 -6.38
CA ALA A 15 2.68 3.94 -5.12
C ALA A 15 2.84 5.33 -4.51
N ALA A 16 4.06 5.86 -4.49
CA ALA A 16 4.31 7.15 -3.85
C ALA A 16 3.59 8.30 -4.55
N ALA A 17 3.11 8.10 -5.78
CA ALA A 17 2.51 9.16 -6.57
C ALA A 17 1.01 8.96 -6.82
N PRO A 19 -1.69 8.75 -4.69
CA PRO A 19 -2.53 9.78 -4.05
C PRO A 19 -2.62 11.05 -4.87
N LEU A 20 -1.48 11.56 -5.34
CA LEU A 20 -1.51 12.76 -6.16
C LEU A 20 -2.28 12.54 -7.46
N LEU A 21 -2.06 11.39 -8.11
CA LEU A 21 -2.78 11.10 -9.35
C LEU A 21 -4.28 11.03 -9.12
N LEU A 22 -4.71 10.42 -8.01
CA LEU A 22 -6.15 10.35 -7.74
C LEU A 22 -6.72 11.72 -7.42
N LEU A 23 -6.00 12.51 -6.63
CA LEU A 23 -6.43 13.88 -6.35
C LEU A 23 -6.61 14.67 -7.65
N VAL A 24 -5.68 14.51 -8.59
CA VAL A 24 -5.75 15.27 -9.83
C VAL A 24 -6.93 14.81 -10.68
N GLU A 25 -7.18 13.49 -10.72
CA GLU A 25 -8.30 13.00 -11.52
C GLU A 25 -9.63 13.56 -11.04
N ASN A 26 -9.73 13.90 -9.76
CA ASN A 26 -10.96 14.52 -9.26
C ASN A 26 -11.00 16.01 -9.60
N ILE A 27 -9.88 16.71 -9.44
CA ILE A 27 -9.85 18.16 -9.65
C ILE A 27 -10.15 18.54 -11.11
N ARG A 28 -9.95 17.62 -12.06
CA ARG A 28 -10.21 17.96 -13.45
C ARG A 28 -11.68 18.31 -13.70
N SER A 29 -12.58 17.79 -12.86
CA SER A 29 -14.00 18.12 -12.94
C SER A 29 -14.40 19.27 -12.02
N TRP A 30 -13.45 20.16 -11.69
CA TRP A 30 -13.62 21.34 -10.87
C TRP A 30 -13.59 22.60 -11.75
N PRO A 31 -14.25 23.69 -11.32
CA PRO A 31 -14.05 24.97 -12.00
C PRO A 31 -12.58 25.39 -11.94
N THR A 32 -12.16 26.15 -12.96
CA THR A 32 -10.75 26.47 -13.09
C THR A 32 -10.23 27.26 -11.90
N ARG A 33 -11.02 28.22 -11.40
CA ARG A 33 -10.61 29.00 -10.24
C ARG A 33 -10.52 28.13 -8.98
N ASN A 34 -11.41 27.14 -8.85
CA ASN A 34 -11.34 26.24 -7.71
C ASN A 34 -10.08 25.38 -7.74
N ALA A 35 -9.63 25.01 -8.94
CA ALA A 35 -8.41 24.22 -9.06
C ALA A 35 -7.18 25.02 -8.64
N ALA A 36 -7.19 26.33 -8.87
CA ALA A 36 -6.07 27.17 -8.45
C ALA A 36 -6.00 27.28 -6.94
N GLU A 37 -7.15 27.28 -6.25
CA GLU A 37 -7.17 27.36 -4.79
C GLU A 37 -6.60 26.09 -4.16
N VAL A 38 -6.71 24.95 -4.84
CA VAL A 38 -6.22 23.69 -4.28
C VAL A 38 -4.86 23.37 -4.88
N ARG A 39 -4.06 24.39 -5.16
CA ARG A 39 -2.67 24.21 -5.57
C ARG A 39 -1.74 23.91 -4.38
N PRO A 40 -1.96 24.50 -3.20
CA PRO A 40 -1.10 24.13 -2.05
C PRO A 40 -1.13 22.64 -1.73
N PRO A 41 -2.28 21.97 -1.74
CA PRO A 41 -2.23 20.52 -1.47
C PRO A 41 -1.51 19.74 -2.55
N ILE A 42 -1.62 20.16 -3.81
CA ILE A 42 -0.87 19.51 -4.88
C ILE A 42 0.62 19.70 -4.67
N VAL A 43 1.03 20.89 -4.24
CA VAL A 43 2.43 21.13 -3.90
C VAL A 43 2.86 20.23 -2.75
N ARG A 44 1.99 20.09 -1.74
CA ARG A 44 2.29 19.19 -0.63
C ARG A 44 2.50 17.75 -1.12
N GLU A 45 1.58 17.26 -1.95
CA GLU A 45 1.69 15.89 -2.45
C GLU A 45 2.96 15.70 -3.28
N LEU A 46 3.36 16.72 -4.03
CA LEU A 46 4.60 16.63 -4.79
C LEU A 46 5.81 16.58 -3.87
N GLN A 47 5.81 17.39 -2.81
CA GLN A 47 6.89 17.33 -1.84
C GLN A 47 6.95 15.97 -1.14
N TYR A 48 5.79 15.42 -0.80
CA TYR A 48 5.78 14.11 -0.15
C TYR A 48 6.31 13.02 -1.08
N PHE A 49 5.97 13.10 -2.36
CA PHE A 49 6.47 12.12 -3.32
C PHE A 49 7.98 12.02 -3.25
N GLN A 50 8.66 13.17 -3.21
CA GLN A 50 10.12 13.18 -3.12
C GLN A 50 10.61 12.75 -1.75
N GLN A 51 9.99 13.29 -0.68
CA GLN A 51 10.40 12.94 0.68
C GLN A 51 10.28 11.45 0.94
N HIS A 52 9.20 10.83 0.46
CA HIS A 52 8.98 9.41 0.74
C HIS A 52 10.02 8.55 0.04
N LEU A 53 10.39 8.89 -1.20
CA LEU A 53 11.36 8.09 -1.93
C LEU A 53 12.79 8.30 -1.44
N GLN A 54 13.11 9.50 -0.94
CA GLN A 54 14.42 9.70 -0.33
C GLN A 54 14.52 8.95 0.99
N LYS A 55 13.41 8.88 1.73
CA LYS A 55 13.35 8.02 2.90
C LYS A 55 13.65 6.56 2.54
N LYS A 56 13.32 6.15 1.32
CA LYS A 56 13.51 4.77 0.88
C LYS A 56 14.79 4.57 0.06
N ASN A 57 15.67 5.59 0.02
CA ASN A 57 17.00 5.48 -0.57
C ASN A 57 16.97 5.24 -2.07
N TYR A 58 15.88 5.62 -2.74
CA TYR A 58 15.84 5.52 -4.19
C TYR A 58 16.73 6.60 -4.81
N PRO A 59 17.28 6.33 -5.98
CA PRO A 59 18.26 7.27 -6.57
C PRO A 59 17.66 8.65 -6.79
N GLN A 60 18.40 9.67 -6.37
CA GLN A 60 17.91 11.04 -6.49
C GLN A 60 17.75 11.47 -7.94
N GLU A 61 18.61 10.97 -8.83
CA GLU A 61 18.48 11.32 -10.25
C GLU A 61 17.16 10.83 -10.81
N ASP A 62 16.68 9.68 -10.35
CA ASP A 62 15.42 9.14 -10.84
C ASP A 62 14.22 9.81 -10.19
N ILE A 63 14.32 10.10 -8.88
CA ILE A 63 13.27 10.86 -8.21
C ILE A 63 13.05 12.18 -8.94
N ASN A 64 14.14 12.89 -9.25
CA ASN A 64 14.02 14.16 -9.95
C ASN A 64 13.35 13.98 -11.31
N HIS A 65 13.82 13.00 -12.09
CA HIS A 65 13.25 12.75 -13.41
C HIS A 65 11.77 12.44 -13.33
N LEU A 66 11.38 11.58 -12.38
CA LEU A 66 9.96 11.21 -12.26
C LEU A 66 9.14 12.36 -11.69
N SER A 67 9.72 13.18 -10.81
CA SER A 67 9.04 14.38 -10.35
C SER A 67 8.89 15.40 -11.48
N TYR A 68 9.94 15.56 -12.29
CA TYR A 68 9.85 16.43 -13.47
C TYR A 68 8.70 16.02 -14.37
N LEU A 69 8.51 14.71 -14.54
CA LEU A 69 7.41 14.21 -15.38
C LEU A 69 6.06 14.50 -14.73
N LEU A 70 5.97 14.37 -13.41
CA LEU A 70 4.69 14.62 -12.73
C LEU A 70 4.29 16.08 -12.88
N CYS A 71 5.23 17.01 -12.70
CA CYS A 71 4.91 18.42 -12.89
C CYS A 71 4.50 18.69 -14.33
N THR A 72 5.20 18.07 -15.29
CA THR A 72 4.85 18.25 -16.70
C THR A 72 3.45 17.72 -16.99
N TYR A 73 3.12 16.55 -16.43
CA TYR A 73 1.80 15.96 -16.65
C TYR A 73 0.69 16.82 -16.07
N ILE A 74 0.87 17.28 -14.83
CA ILE A 74 -0.17 18.05 -14.17
C ILE A 74 -0.26 19.45 -14.79
N ASP A 75 0.87 20.04 -15.17
CA ASP A 75 0.82 21.34 -15.85
C ASP A 75 0.04 21.24 -17.15
N GLY A 76 0.19 20.12 -17.86
CA GLY A 76 -0.54 19.93 -19.11
C GLY A 76 -2.02 19.70 -18.93
N ILE A 77 -2.46 19.35 -17.73
CA ILE A 77 -3.88 19.08 -17.49
C ILE A 77 -4.64 20.38 -17.27
N PHE A 78 -4.09 21.28 -16.47
CA PHE A 78 -4.76 22.53 -16.13
C PHE A 78 -4.34 23.70 -17.00
N ASN A 79 -3.49 23.48 -18.01
CA ASN A 79 -3.12 24.54 -18.95
C ASN A 79 -3.42 24.12 -20.37
N GLY A 80 -2.59 24.56 -21.32
CA GLY A 80 -2.77 24.23 -22.72
C GLY A 80 -1.48 24.12 -23.49
N ASN A 88 -0.61 31.03 -14.67
CA ASN A 88 -0.17 31.65 -13.42
C ASN A 88 1.18 31.12 -12.97
N GLN A 89 1.17 30.23 -11.98
CA GLN A 89 2.38 29.64 -11.42
C GLN A 89 2.38 28.15 -11.74
N SER A 90 3.22 27.74 -12.69
CA SER A 90 3.31 26.34 -13.07
C SER A 90 4.07 25.55 -12.02
N LEU A 91 3.77 24.25 -11.94
CA LEU A 91 4.47 23.41 -10.97
C LEU A 91 5.88 23.09 -11.43
N LEU A 92 6.08 22.92 -12.74
CA LEU A 92 7.42 22.65 -13.24
C LEU A 92 8.37 23.80 -12.95
N VAL A 93 7.87 25.04 -13.04
CA VAL A 93 8.71 26.18 -12.69
C VAL A 93 9.08 26.15 -11.23
N GLU A 94 8.13 25.84 -10.35
CA GLU A 94 8.39 25.90 -8.91
C GLU A 94 9.36 24.80 -8.47
N PHE A 95 9.23 23.60 -9.03
CA PHE A 95 10.01 22.45 -8.58
C PHE A 95 11.29 22.21 -9.38
N HIS A 96 11.32 22.56 -10.67
CA HIS A 96 12.49 22.27 -11.48
C HIS A 96 12.98 23.48 -12.30
N ARG A 97 12.46 24.68 -12.01
CA ARG A 97 12.87 25.92 -12.69
C ARG A 97 12.87 25.76 -14.21
N ASP A 98 11.82 25.14 -14.72
CA ASP A 98 11.65 24.94 -16.15
C ASP A 98 10.20 25.24 -16.50
N ALA A 99 9.99 25.97 -17.58
CA ALA A 99 8.63 26.37 -17.93
C ALA A 99 7.87 25.27 -18.68
N TRP A 100 8.57 24.44 -19.45
CA TRP A 100 7.88 23.45 -20.25
C TRP A 100 8.72 22.18 -20.32
N GLY A 101 8.09 21.04 -20.05
CA GLY A 101 8.82 19.79 -20.02
C GLY A 101 8.40 18.80 -21.07
N GLY A 102 7.48 19.18 -21.95
CA GLY A 102 6.92 18.28 -22.94
C GLY A 102 7.93 17.65 -23.88
N GLU A 103 9.14 18.18 -23.94
CA GLU A 103 10.22 17.66 -24.78
C GLU A 103 11.28 16.93 -23.99
N ASP A 104 11.72 17.48 -22.86
CA ASP A 104 12.79 16.85 -22.08
C ASP A 104 12.34 15.52 -21.48
N CYS A 105 11.05 15.38 -21.17
CA CYS A 105 10.55 14.12 -20.60
C CYS A 105 10.85 12.94 -21.52
N PHE A 106 10.66 13.13 -22.82
CA PHE A 106 10.92 12.06 -23.77
C PHE A 106 12.42 11.86 -24.01
N GLU A 107 13.26 12.84 -23.66
CA GLU A 107 14.71 12.60 -23.70
C GLU A 107 15.17 11.85 -22.46
N HIS A 108 14.57 12.14 -21.30
CA HIS A 108 14.79 11.31 -20.12
C HIS A 108 14.35 9.87 -20.38
N LEU A 109 13.17 9.71 -20.97
CA LEU A 109 12.63 8.37 -21.25
C LEU A 109 13.52 7.61 -22.21
N ARG A 110 14.07 8.29 -23.22
CA ARG A 110 14.91 7.62 -24.21
C ARG A 110 16.19 7.06 -23.58
N VAL A 111 16.73 7.74 -22.56
CA VAL A 111 17.92 7.24 -21.89
C VAL A 111 17.59 6.03 -21.02
N TYR A 112 16.42 6.06 -20.37
CA TYR A 112 16.00 4.90 -19.58
C TYR A 112 15.75 3.70 -20.48
N ASN A 114 17.20 2.95 -23.03
CA ASN A 114 18.50 2.42 -23.44
C ASN A 114 18.99 1.32 -22.51
N SER A 115 18.48 1.27 -21.27
CA SER A 115 18.86 0.25 -20.29
C SER A 115 17.59 -0.33 -19.68
N PRO A 116 16.87 -1.17 -20.44
CA PRO A 116 15.52 -1.58 -20.00
C PRO A 116 15.48 -2.29 -18.66
N LYS A 117 16.28 -3.36 -18.49
CA LYS A 117 16.19 -4.14 -17.25
C LYS A 117 16.69 -3.36 -16.04
N GLN A 118 17.67 -2.47 -16.23
CA GLN A 118 18.21 -1.71 -15.11
C GLN A 118 17.21 -0.70 -14.58
N TYR A 119 16.26 -0.25 -15.39
CA TYR A 119 15.33 0.81 -15.02
C TYR A 119 13.89 0.36 -15.20
N ARG A 120 13.58 -0.89 -14.86
CA ARG A 120 12.22 -1.39 -15.08
C ARG A 120 11.20 -0.61 -14.27
N GLU A 121 11.49 -0.33 -13.00
CA GLU A 121 10.51 0.38 -12.17
C GLU A 121 10.26 1.79 -12.68
N VAL A 122 11.30 2.45 -13.19
CA VAL A 122 11.11 3.80 -13.75
C VAL A 122 10.30 3.74 -15.04
N LEU A 123 10.54 2.71 -15.86
CA LEU A 123 9.84 2.60 -17.14
C LEU A 123 8.36 2.30 -16.94
N GLU A 124 8.02 1.48 -15.93
CA GLU A 124 6.61 1.25 -15.63
C GLU A 124 5.91 2.56 -15.27
N PHE A 125 6.59 3.42 -14.50
CA PHE A 125 6.04 4.74 -14.18
C PHE A 125 5.75 5.54 -15.45
N TYR A 126 6.72 5.61 -16.36
CA TYR A 126 6.50 6.34 -17.61
C TYR A 126 5.34 5.74 -18.41
N ASP A 127 5.28 4.41 -18.48
CA ASP A 127 4.18 3.74 -19.17
C ASP A 127 2.82 4.17 -18.62
N LEU A 128 2.70 4.24 -17.29
CA LEU A 128 1.43 4.60 -16.67
C LEU A 128 1.06 6.05 -16.96
N ILE A 129 2.01 6.98 -16.77
CA ILE A 129 1.72 8.39 -16.98
C ILE A 129 1.21 8.63 -18.40
N CYS A 131 -0.14 6.42 -20.25
CA CYS A 131 -1.46 5.78 -20.27
C CYS A 131 -2.53 6.70 -19.72
N LEU A 132 -2.17 7.61 -18.82
CA LEU A 132 -3.10 8.61 -18.27
C LEU A 132 -3.27 9.82 -19.18
N GLY A 133 -2.74 9.79 -20.41
CA GLY A 133 -2.96 10.84 -21.37
C GLY A 133 -1.82 11.82 -21.59
N PHE A 134 -0.64 11.60 -21.01
CA PHE A 134 0.49 12.49 -21.25
C PHE A 134 0.97 12.35 -22.69
N ASP A 135 1.13 13.49 -23.36
CA ASP A 135 1.66 13.51 -24.73
C ASP A 135 2.79 14.51 -24.95
N GLY A 136 2.94 15.54 -24.12
CA GLY A 136 4.06 16.46 -24.28
C GLY A 136 4.16 17.05 -25.67
N LYS A 137 5.35 16.93 -26.28
CA LYS A 137 5.61 17.52 -27.58
C LYS A 137 4.77 16.91 -28.69
N TYR A 138 4.30 15.67 -28.51
CA TYR A 138 3.54 14.99 -29.57
C TYR A 138 2.20 15.65 -29.82
N GLN A 139 1.76 16.54 -28.93
CA GLN A 139 0.52 17.28 -29.15
C GLN A 139 0.66 18.34 -30.24
N ILE A 141 3.25 18.04 -32.84
CA ILE A 141 3.97 17.46 -33.97
C ILE A 141 2.95 16.85 -34.92
N GLU A 142 3.16 17.05 -36.22
CA GLU A 142 2.32 16.40 -37.20
C GLU A 142 2.52 14.89 -37.13
N HIS A 143 1.41 14.15 -37.26
CA HIS A 143 1.38 12.71 -36.99
C HIS A 143 1.84 12.40 -35.58
N GLY A 144 1.63 13.34 -34.66
CA GLY A 144 2.15 13.18 -33.30
C GLY A 144 1.52 12.02 -32.58
N ALA A 145 0.22 11.78 -32.80
CA ALA A 145 -0.44 10.65 -32.18
C ALA A 145 0.13 9.33 -32.66
N VAL A 146 0.36 9.19 -33.97
CA VAL A 146 0.96 7.98 -34.52
C VAL A 146 2.33 7.73 -33.91
N LEU A 147 3.14 8.79 -33.80
CA LEU A 147 4.47 8.64 -33.22
C LEU A 147 4.38 8.30 -31.74
N LEU A 148 3.46 8.94 -31.02
CA LEU A 148 3.33 8.68 -29.59
C LEU A 148 2.79 7.27 -29.35
N ASP A 150 3.04 4.72 -31.22
CA ASP A 150 4.11 3.78 -31.52
C ASP A 150 5.13 3.72 -30.40
N LEU A 151 5.42 4.86 -29.77
CA LEU A 151 6.35 4.86 -28.64
C LEU A 151 5.78 4.09 -27.46
N ARG A 152 4.48 4.24 -27.20
CA ARG A 152 3.85 3.50 -26.11
C ARG A 152 3.85 2.01 -26.39
N SER A 153 3.64 1.62 -27.64
CA SER A 153 3.65 0.20 -28.00
C SER A 153 5.04 -0.40 -27.80
N ARG A 154 6.08 0.32 -28.22
CA ARG A 154 7.44 -0.19 -28.06
C ARG A 154 7.81 -0.34 -26.58
N LEU A 155 7.37 0.60 -25.74
CA LEU A 155 7.66 0.51 -24.32
C LEU A 155 6.78 -0.51 -23.61
N HIS A 156 5.48 -0.54 -23.95
CA HIS A 156 4.56 -1.47 -23.29
C HIS A 156 4.94 -2.91 -23.57
N THR A 157 5.35 -3.21 -24.81
CA THR A 157 5.79 -4.56 -25.14
C THR A 157 7.13 -4.87 -24.46
N GLN A 158 7.99 -3.87 -24.34
CA GLN A 158 9.27 -4.06 -23.66
C GLN A 158 9.08 -4.42 -22.18
N LEU A 159 7.96 -4.01 -21.59
CA LEU A 159 7.66 -4.27 -20.19
C LEU A 159 6.74 -5.46 -19.97
N TYR A 160 5.76 -5.67 -20.84
CA TYR A 160 4.66 -6.59 -20.55
C TYR A 160 4.40 -7.65 -21.60
N GLY A 161 4.81 -7.46 -22.85
CA GLY A 161 4.62 -8.46 -23.87
C GLY A 161 3.62 -8.01 -24.93
N GLN A 162 3.64 -8.75 -26.06
CA GLN A 162 2.79 -8.41 -27.19
C GLN A 162 1.31 -8.42 -26.81
N ASP A 163 0.88 -9.42 -26.05
CA ASP A 163 -0.54 -9.57 -25.75
C ASP A 163 -1.06 -8.42 -24.89
N ALA A 164 -0.20 -7.81 -24.08
CA ALA A 164 -0.64 -6.66 -23.28
C ALA A 164 -0.79 -5.40 -24.10
N THR A 165 -0.11 -5.29 -25.25
CA THR A 165 -0.19 -4.08 -26.05
C THR A 165 -1.50 -3.99 -26.82
N GLN A 166 -2.06 -5.14 -27.21
CA GLN A 166 -3.31 -5.18 -27.97
C GLN A 166 -4.49 -4.64 -27.16
N LEU B 5 -8.18 39.95 9.90
CA LEU B 5 -7.44 38.72 9.69
C LEU B 5 -5.96 38.95 9.97
N LEU B 6 -5.65 40.12 10.51
CA LEU B 6 -4.26 40.52 10.70
C LEU B 6 -3.57 39.65 11.74
N GLY B 7 -4.20 39.48 12.90
CA GLY B 7 -3.60 38.67 13.95
C GLY B 7 -3.54 37.18 13.66
N ALA B 8 -4.15 36.73 12.57
CA ALA B 8 -4.12 35.32 12.17
C ALA B 8 -3.14 35.04 11.05
N TRP B 9 -2.51 36.06 10.48
CA TRP B 9 -1.53 35.87 9.43
C TRP B 9 -0.27 35.20 9.97
N ASP B 10 0.01 35.39 11.26
CA ASP B 10 1.18 34.81 11.91
C ASP B 10 0.86 33.56 12.73
N ASN B 11 -0.40 33.12 12.76
CA ASN B 11 -0.77 31.96 13.56
C ASN B 11 -0.17 30.69 12.97
N ALA B 12 0.75 30.07 13.70
CA ALA B 12 1.39 28.85 13.22
C ALA B 12 0.38 27.72 13.08
N TYR B 13 -0.62 27.64 13.97
CA TYR B 13 -1.62 26.58 13.86
C TYR B 13 -2.41 26.72 12.56
N ILE B 14 -2.82 27.94 12.23
CA ILE B 14 -3.64 28.17 11.05
C ILE B 14 -2.85 27.87 9.78
N ALA B 15 -1.61 28.36 9.70
CA ALA B 15 -0.78 28.12 8.52
C ALA B 15 -0.52 26.63 8.29
N ALA B 16 -0.35 25.86 9.37
CA ALA B 16 -0.09 24.44 9.21
C ALA B 16 -1.29 23.70 8.63
N ALA B 17 -2.51 24.16 8.95
CA ALA B 17 -3.73 23.50 8.51
C ALA B 17 -4.29 24.06 7.22
N PRO B 19 -3.48 24.36 3.81
CA PRO B 19 -3.69 23.53 2.61
C PRO B 19 -4.76 22.49 2.81
N LEU B 20 -4.88 21.94 4.02
CA LEU B 20 -5.97 21.02 4.32
C LEU B 20 -7.32 21.72 4.29
N LEU B 21 -7.42 22.88 4.94
CA LEU B 21 -8.67 23.63 4.95
C LEU B 21 -9.09 24.02 3.54
N LEU B 22 -8.12 24.36 2.68
CA LEU B 22 -8.46 24.70 1.31
C LEU B 22 -8.95 23.48 0.53
N LEU B 23 -8.27 22.34 0.68
CA LEU B 23 -8.72 21.12 0.02
C LEU B 23 -10.16 20.78 0.41
N VAL B 24 -10.48 20.91 1.69
CA VAL B 24 -11.78 20.47 2.18
C VAL B 24 -12.89 21.40 1.71
N GLU B 25 -12.62 22.70 1.68
CA GLU B 25 -13.67 23.66 1.31
C GLU B 25 -14.08 23.55 -0.15
N ASN B 26 -13.18 23.06 -1.01
CA ASN B 26 -13.54 22.81 -2.40
C ASN B 26 -14.12 21.43 -2.63
N ILE B 27 -13.82 20.47 -1.76
CA ILE B 27 -14.41 19.14 -1.87
C ILE B 27 -15.91 19.20 -1.61
N ARG B 28 -16.30 19.87 -0.53
CA ARG B 28 -17.70 20.10 -0.24
C ARG B 28 -18.32 21.00 -1.30
N ASN B 34 -16.51 10.26 -6.29
CA ASN B 34 -15.28 9.78 -5.65
C ASN B 34 -14.94 10.60 -4.41
N ALA B 35 -15.63 10.29 -3.31
CA ALA B 35 -15.43 11.05 -2.08
C ALA B 35 -14.21 10.54 -1.30
N ALA B 36 -13.99 9.22 -1.31
CA ALA B 36 -12.92 8.61 -0.53
C ALA B 36 -11.58 8.61 -1.25
N GLU B 37 -11.51 9.02 -2.51
CA GLU B 37 -10.23 9.03 -3.23
C GLU B 37 -9.27 10.07 -2.65
N VAL B 38 -9.80 11.09 -1.98
CA VAL B 38 -9.02 12.23 -1.53
C VAL B 38 -8.62 12.06 -0.07
N ARG B 39 -8.85 10.87 0.47
CA ARG B 39 -8.57 10.64 1.87
C ARG B 39 -7.07 10.52 2.18
N PRO B 40 -6.27 9.82 1.37
CA PRO B 40 -4.82 9.75 1.65
C PRO B 40 -4.16 11.12 1.71
N PRO B 41 -4.52 12.08 0.82
CA PRO B 41 -3.96 13.42 1.00
C PRO B 41 -4.38 14.10 2.30
N ILE B 42 -5.64 13.91 2.73
CA ILE B 42 -6.09 14.54 3.97
C ILE B 42 -5.38 13.95 5.17
N VAL B 43 -5.20 12.62 5.20
CA VAL B 43 -4.42 11.97 6.26
C VAL B 43 -3.01 12.56 6.31
N ARG B 44 -2.40 12.75 5.14
CA ARG B 44 -1.06 13.32 5.10
C ARG B 44 -1.02 14.73 5.65
N GLU B 45 -2.04 15.53 5.34
CA GLU B 45 -2.09 16.89 5.87
C GLU B 45 -2.26 16.89 7.37
N LEU B 46 -3.04 15.94 7.90
CA LEU B 46 -3.17 15.80 9.35
C LEU B 46 -1.87 15.33 9.98
N GLN B 47 -1.16 14.40 9.32
CA GLN B 47 0.14 13.98 9.82
C GLN B 47 1.16 15.11 9.76
N TYR B 48 1.17 15.87 8.66
CA TYR B 48 2.01 17.05 8.59
C TYR B 48 1.66 18.04 9.69
N PHE B 49 0.36 18.26 9.91
CA PHE B 49 -0.08 19.17 10.97
C PHE B 49 0.56 18.81 12.31
N GLN B 50 0.67 17.50 12.59
CA GLN B 50 1.24 17.04 13.85
C GLN B 50 2.77 17.16 13.84
N GLN B 51 3.41 16.74 12.75
CA GLN B 51 4.87 16.74 12.70
C GLN B 51 5.44 18.16 12.71
N HIS B 52 4.86 19.05 11.90
CA HIS B 52 5.43 20.38 11.74
C HIS B 52 5.42 21.16 13.06
N LEU B 53 4.29 21.10 13.77
CA LEU B 53 4.21 21.78 15.06
C LEU B 53 5.02 21.07 16.14
N GLN B 54 5.31 19.77 15.97
CA GLN B 54 6.20 19.08 16.91
C GLN B 54 7.64 19.52 16.71
N LYS B 55 8.05 19.73 15.45
CA LYS B 55 9.38 20.25 15.18
C LYS B 55 9.57 21.63 15.80
N LYS B 56 8.54 22.47 15.72
CA LYS B 56 8.56 23.78 16.37
C LYS B 56 8.27 23.71 17.86
N ASN B 57 8.10 22.50 18.40
CA ASN B 57 7.98 22.27 19.84
C ASN B 57 6.80 23.03 20.46
N TYR B 58 5.67 23.04 19.78
CA TYR B 58 4.45 23.57 20.36
C TYR B 58 3.87 22.55 21.35
N PRO B 59 3.07 23.00 22.32
CA PRO B 59 2.55 22.09 23.34
C PRO B 59 1.76 20.93 22.73
N GLN B 60 2.16 19.71 23.09
CA GLN B 60 1.56 18.52 22.50
C GLN B 60 0.06 18.45 22.82
N GLU B 61 -0.33 18.83 24.03
CA GLU B 61 -1.75 18.84 24.39
C GLU B 61 -2.55 19.75 23.47
N ASP B 62 -1.95 20.88 23.05
CA ASP B 62 -2.64 21.80 22.15
C ASP B 62 -2.71 21.24 20.74
N ILE B 63 -1.62 20.63 20.27
CA ILE B 63 -1.61 20.05 18.93
C ILE B 63 -2.69 18.99 18.80
N ASN B 64 -2.84 18.14 19.82
CA ASN B 64 -3.84 17.07 19.75
C ASN B 64 -5.25 17.63 19.78
N HIS B 65 -5.52 18.62 20.63
CA HIS B 65 -6.85 19.21 20.70
C HIS B 65 -7.25 19.84 19.37
N LEU B 66 -6.32 20.50 18.70
CA LEU B 66 -6.63 21.10 17.40
C LEU B 66 -6.70 20.05 16.31
N SER B 67 -5.84 19.03 16.38
CA SER B 67 -5.99 17.88 15.50
C SER B 67 -7.33 17.20 15.72
N TYR B 68 -7.78 17.11 16.97
CA TYR B 68 -9.08 16.55 17.28
C TYR B 68 -10.19 17.38 16.63
N LEU B 69 -10.07 18.70 16.68
CA LEU B 69 -11.09 19.58 16.11
C LEU B 69 -11.18 19.42 14.60
N LEU B 70 -10.02 19.32 13.92
CA LEU B 70 -10.03 19.19 12.47
C LEU B 70 -10.71 17.88 12.04
N CYS B 71 -10.32 16.77 12.65
CA CYS B 71 -10.95 15.49 12.34
C CYS B 71 -12.46 15.55 12.54
N THR B 72 -12.90 16.12 13.67
CA THR B 72 -14.33 16.27 13.91
C THR B 72 -14.97 17.18 12.87
N TYR B 73 -14.30 18.28 12.52
CA TYR B 73 -14.81 19.16 11.48
C TYR B 73 -14.86 18.46 10.13
N ILE B 74 -13.77 17.77 9.76
CA ILE B 74 -13.73 17.07 8.48
C ILE B 74 -14.77 15.95 8.44
N ASP B 75 -14.91 15.19 9.53
CA ASP B 75 -15.87 14.08 9.54
C ASP B 75 -17.29 14.59 9.36
N GLY B 76 -17.62 15.73 10.00
CA GLY B 76 -18.94 16.31 9.85
C GLY B 76 -19.27 16.73 8.43
N ILE B 77 -18.26 16.90 7.59
CA ILE B 77 -18.49 17.29 6.19
C ILE B 77 -18.69 16.07 5.31
N PHE B 78 -17.87 15.03 5.48
CA PHE B 78 -18.11 13.78 4.77
C PHE B 78 -19.43 13.15 5.19
N ASN B 79 -19.62 12.98 6.49
CA ASN B 79 -20.86 12.42 7.03
C ASN B 79 -21.92 13.51 7.19
N ASN B 88 -13.15 2.78 9.01
CA ASN B 88 -12.89 2.86 7.58
C ASN B 88 -12.75 4.29 7.10
N GLN B 89 -13.78 5.09 7.36
CA GLN B 89 -13.86 6.45 6.84
C GLN B 89 -13.49 7.50 7.88
N SER B 90 -13.68 7.21 9.16
CA SER B 90 -13.56 8.25 10.18
C SER B 90 -12.10 8.63 10.42
N LEU B 91 -11.80 9.93 10.31
CA LEU B 91 -10.47 10.41 10.65
C LEU B 91 -10.26 10.48 12.15
N LEU B 92 -11.28 10.92 12.89
CA LEU B 92 -11.17 11.00 14.35
C LEU B 92 -10.86 9.64 14.95
N VAL B 93 -11.45 8.57 14.41
CA VAL B 93 -11.14 7.23 14.90
C VAL B 93 -9.69 6.89 14.61
N GLU B 94 -9.25 7.11 13.36
CA GLU B 94 -7.91 6.73 12.97
C GLU B 94 -6.85 7.53 13.73
N PHE B 95 -7.12 8.81 13.99
CA PHE B 95 -6.15 9.68 14.64
C PHE B 95 -6.36 9.84 16.14
N HIS B 96 -7.58 9.63 16.65
CA HIS B 96 -7.83 9.84 18.07
C HIS B 96 -8.66 8.74 18.72
N ARG B 97 -8.98 7.67 18.00
CA ARG B 97 -9.67 6.51 18.56
C ARG B 97 -10.99 6.93 19.24
N ASP B 98 -11.69 7.86 18.59
CA ASP B 98 -12.93 8.41 19.08
C ASP B 98 -13.91 8.50 17.93
N ALA B 99 -15.14 8.02 18.13
CA ALA B 99 -16.08 7.92 17.03
C ALA B 99 -16.82 9.23 16.78
N TRP B 100 -17.12 9.99 17.83
CA TRP B 100 -17.78 11.28 17.69
C TRP B 100 -17.08 12.32 18.56
N GLY B 101 -16.73 13.45 17.96
CA GLY B 101 -16.02 14.50 18.68
C GLY B 101 -16.82 15.77 18.84
N GLY B 102 -18.07 15.76 18.36
CA GLY B 102 -18.89 16.97 18.38
C GLY B 102 -19.14 17.53 19.77
N GLU B 103 -18.99 16.71 20.80
CA GLU B 103 -19.14 17.14 22.19
C GLU B 103 -17.80 17.48 22.85
N ASP B 104 -16.80 16.60 22.69
CA ASP B 104 -15.52 16.83 23.35
C ASP B 104 -14.79 18.05 22.79
N CYS B 105 -15.06 18.44 21.54
CA CYS B 105 -14.43 19.63 20.98
C CYS B 105 -14.75 20.88 21.79
N PHE B 106 -16.02 21.04 22.17
CA PHE B 106 -16.44 22.21 22.92
C PHE B 106 -16.08 22.13 24.40
N GLU B 107 -15.71 20.96 24.90
CA GLU B 107 -15.15 20.89 26.23
C GLU B 107 -13.68 21.32 26.23
N HIS B 108 -12.95 20.96 25.16
CA HIS B 108 -11.60 21.49 25.00
C HIS B 108 -11.63 23.01 24.87
N LEU B 109 -12.62 23.53 24.14
CA LEU B 109 -12.74 24.96 23.95
C LEU B 109 -13.04 25.69 25.26
N ARG B 110 -13.87 25.08 26.12
CA ARG B 110 -14.24 25.74 27.37
C ARG B 110 -13.03 25.93 28.27
N VAL B 111 -12.14 24.94 28.32
CA VAL B 111 -10.94 25.06 29.15
C VAL B 111 -10.02 26.14 28.61
N TYR B 112 -9.88 26.22 27.28
CA TYR B 112 -9.08 27.28 26.69
C TYR B 112 -9.67 28.66 26.95
N ASN B 114 -11.18 29.76 29.45
CA ASN B 114 -11.03 30.22 30.82
C ASN B 114 -9.76 31.05 31.01
N SER B 115 -8.69 30.72 30.26
CA SER B 115 -7.45 31.48 30.26
C SER B 115 -7.23 32.02 28.85
N PRO B 116 -7.87 33.14 28.51
CA PRO B 116 -7.78 33.62 27.12
C PRO B 116 -6.42 34.18 26.74
N LYS B 117 -5.72 34.81 27.69
CA LYS B 117 -4.42 35.39 27.36
C LYS B 117 -3.38 34.31 27.06
N GLN B 118 -3.44 33.20 27.79
CA GLN B 118 -2.47 32.13 27.59
C GLN B 118 -2.72 31.32 26.33
N TYR B 119 -3.95 31.32 25.81
CA TYR B 119 -4.28 30.48 24.67
C TYR B 119 -4.82 31.29 23.50
N ARG B 120 -4.15 32.41 23.19
CA ARG B 120 -4.60 33.26 22.08
C ARG B 120 -4.57 32.51 20.75
N GLU B 121 -3.42 31.95 20.39
CA GLU B 121 -3.28 31.29 19.09
C GLU B 121 -4.18 30.07 18.99
N VAL B 122 -4.42 29.37 20.09
CA VAL B 122 -5.33 28.22 20.05
C VAL B 122 -6.76 28.68 19.82
N LEU B 123 -7.15 29.80 20.42
CA LEU B 123 -8.51 30.30 20.28
C LEU B 123 -8.76 30.93 18.91
N GLU B 124 -7.73 31.50 18.28
CA GLU B 124 -7.88 31.98 16.91
C GLU B 124 -8.22 30.83 15.97
N PHE B 125 -7.66 29.65 16.22
CA PHE B 125 -7.94 28.49 15.38
C PHE B 125 -9.38 28.02 15.56
N TYR B 126 -9.86 27.92 16.81
CA TYR B 126 -11.25 27.56 17.06
C TYR B 126 -12.20 28.57 16.41
N ASP B 127 -11.87 29.85 16.48
CA ASP B 127 -12.69 30.88 15.84
C ASP B 127 -12.78 30.64 14.33
N LEU B 128 -11.63 30.38 13.69
CA LEU B 128 -11.61 30.12 12.26
C LEU B 128 -12.43 28.87 11.90
N ILE B 129 -12.29 27.79 12.67
CA ILE B 129 -12.99 26.56 12.33
C ILE B 129 -14.49 26.76 12.45
N CYS B 131 -16.02 29.57 12.10
CA CYS B 131 -16.41 30.44 11.00
C CYS B 131 -16.69 29.65 9.73
N LEU B 132 -15.99 28.53 9.53
CA LEU B 132 -16.21 27.72 8.34
C LEU B 132 -17.50 26.93 8.40
N GLY B 133 -18.23 26.97 9.52
CA GLY B 133 -19.52 26.31 9.63
C GLY B 133 -19.58 25.15 10.60
N PHE B 134 -18.46 24.79 11.23
CA PHE B 134 -18.46 23.70 12.19
C PHE B 134 -19.42 23.99 13.33
N ASP B 135 -20.22 22.99 13.69
CA ASP B 135 -21.21 23.12 14.75
C ASP B 135 -21.26 21.94 15.71
N GLY B 136 -20.83 20.74 15.31
CA GLY B 136 -20.68 19.63 16.24
C GLY B 136 -22.00 19.27 16.91
N LYS B 137 -21.99 19.24 18.24
CA LYS B 137 -23.15 18.83 19.01
C LYS B 137 -24.35 19.75 18.82
N TYR B 138 -24.14 21.00 18.42
CA TYR B 138 -25.25 21.93 18.28
C TYR B 138 -26.17 21.59 17.11
N GLN B 139 -25.79 20.64 16.25
CA GLN B 139 -26.71 20.13 15.26
C GLN B 139 -27.90 19.42 15.89
N ILE B 141 -28.97 19.87 19.50
CA ILE B 141 -29.57 20.58 20.62
C ILE B 141 -30.62 21.54 20.09
N GLU B 142 -31.74 21.67 20.81
CA GLU B 142 -32.74 22.67 20.44
C GLU B 142 -32.11 24.06 20.42
N HIS B 143 -32.55 24.88 19.47
CA HIS B 143 -31.98 26.23 19.26
C HIS B 143 -30.46 26.16 19.12
N GLY B 144 -29.99 25.10 18.44
CA GLY B 144 -28.55 24.91 18.32
C GLY B 144 -27.84 26.06 17.66
N ALA B 145 -28.47 26.68 16.65
CA ALA B 145 -27.86 27.80 15.97
C ALA B 145 -27.73 29.01 16.90
N VAL B 146 -28.78 29.30 17.66
CA VAL B 146 -28.73 30.41 18.61
C VAL B 146 -27.68 30.16 19.68
N LEU B 147 -27.65 28.93 20.23
CA LEU B 147 -26.66 28.61 21.25
C LEU B 147 -25.25 28.68 20.69
N LEU B 148 -25.05 28.24 19.46
CA LEU B 148 -23.72 28.27 18.85
C LEU B 148 -23.29 29.70 18.53
N ASP B 150 -24.19 32.54 20.11
CA ASP B 150 -23.82 33.21 21.35
C ASP B 150 -22.42 32.80 21.80
N LEU B 151 -22.08 31.52 21.63
CA LEU B 151 -20.72 31.09 21.94
C LEU B 151 -19.70 31.76 21.04
N ARG B 152 -20.05 31.95 19.76
CA ARG B 152 -19.12 32.58 18.83
C ARG B 152 -18.95 34.06 19.14
N SER B 153 -20.02 34.73 19.57
CA SER B 153 -19.92 36.13 19.92
C SER B 153 -19.05 36.34 21.16
N ARG B 154 -19.10 35.42 22.12
CA ARG B 154 -18.26 35.55 23.31
C ARG B 154 -16.79 35.36 22.99
N LEU B 155 -16.46 34.31 22.24
CA LEU B 155 -15.07 34.08 21.87
C LEU B 155 -14.55 35.16 20.94
N HIS B 156 -15.40 35.67 20.06
CA HIS B 156 -14.98 36.74 19.16
C HIS B 156 -14.70 38.02 19.94
N THR B 157 -15.55 38.35 20.92
CA THR B 157 -15.28 39.51 21.77
C THR B 157 -14.13 39.24 22.72
N GLN B 158 -13.91 37.99 23.11
CA GLN B 158 -12.77 37.64 23.94
C GLN B 158 -11.45 37.84 23.18
N LEU B 159 -11.49 37.73 21.85
CA LEU B 159 -10.31 37.86 21.02
C LEU B 159 -10.15 39.22 20.37
N TYR B 160 -11.23 39.99 20.23
CA TYR B 160 -11.15 41.28 19.53
C TYR B 160 -11.94 42.36 20.27
N GLY B 161 -13.26 42.41 20.04
CA GLY B 161 -14.09 43.41 20.70
C GLY B 161 -15.42 43.65 20.02
N ASN C 2 -8.18 2.96 -17.94
CA ASN C 2 -7.47 3.67 -16.88
C ASN C 2 -8.27 3.65 -15.58
N ALA C 3 -9.59 3.64 -15.72
CA ALA C 3 -10.47 3.74 -14.56
C ALA C 3 -10.26 2.57 -13.59
N LEU C 5 -7.30 0.69 -12.81
CA LEU C 5 -6.14 0.78 -11.95
C LEU C 5 -6.28 1.92 -10.93
N LEU C 6 -6.85 3.05 -11.35
CA LEU C 6 -7.02 4.17 -10.43
C LEU C 6 -8.06 3.85 -9.35
N GLY C 7 -9.19 3.29 -9.76
CA GLY C 7 -10.27 3.01 -8.81
C GLY C 7 -10.00 1.85 -7.89
N ALA C 8 -9.06 0.97 -8.23
CA ALA C 8 -8.78 -0.23 -7.45
C ALA C 8 -7.56 -0.08 -6.55
N TRP C 9 -6.76 0.97 -6.71
CA TRP C 9 -5.58 1.13 -5.88
C TRP C 9 -5.93 1.40 -4.42
N ASP C 10 -7.11 1.96 -4.15
CA ASP C 10 -7.56 2.25 -2.80
C ASP C 10 -8.48 1.17 -2.25
N ASN C 11 -8.64 0.07 -2.97
CA ASN C 11 -9.54 -1.01 -2.57
C ASN C 11 -8.84 -1.91 -1.55
N ALA C 12 -9.35 -1.92 -0.32
CA ALA C 12 -8.72 -2.71 0.74
C ALA C 12 -8.85 -4.20 0.50
N TYR C 13 -9.97 -4.66 -0.09
CA TYR C 13 -10.10 -6.08 -0.42
C TYR C 13 -9.03 -6.51 -1.41
N ILE C 14 -8.90 -5.76 -2.51
CA ILE C 14 -7.90 -6.07 -3.52
C ILE C 14 -6.50 -6.04 -2.92
N ALA C 15 -6.20 -5.00 -2.14
CA ALA C 15 -4.88 -4.87 -1.55
C ALA C 15 -4.57 -6.03 -0.60
N ALA C 16 -5.57 -6.51 0.13
CA ALA C 16 -5.35 -7.67 0.98
C ALA C 16 -5.01 -8.91 0.16
N ALA C 17 -5.51 -8.99 -1.07
CA ALA C 17 -5.40 -10.19 -1.88
C ALA C 17 -4.26 -10.15 -2.89
N PRO C 19 -0.86 -9.76 -2.94
CA PRO C 19 0.29 -10.68 -2.80
C PRO C 19 -0.03 -12.12 -3.19
N LEU C 20 -1.24 -12.59 -2.88
CA LEU C 20 -1.63 -13.94 -3.29
C LEU C 20 -1.80 -14.02 -4.81
N LEU C 21 -2.48 -13.04 -5.39
CA LEU C 21 -2.62 -12.99 -6.85
C LEU C 21 -1.26 -13.00 -7.54
N LEU C 22 -0.31 -12.21 -7.04
CA LEU C 22 1.01 -12.17 -7.67
C LEU C 22 1.72 -13.50 -7.54
N LEU C 23 1.58 -14.16 -6.38
CA LEU C 23 2.17 -15.48 -6.18
C LEU C 23 1.57 -16.50 -7.14
N VAL C 24 0.27 -16.38 -7.42
CA VAL C 24 -0.40 -17.35 -8.29
C VAL C 24 -0.01 -17.12 -9.75
N GLU C 25 0.11 -15.87 -10.18
CA GLU C 25 0.50 -15.61 -11.56
C GLU C 25 1.91 -16.09 -11.87
N ASN C 26 2.77 -16.17 -10.84
CA ASN C 26 4.10 -16.73 -11.03
C ASN C 26 4.09 -18.25 -11.03
N ILE C 27 3.23 -18.87 -10.22
CA ILE C 27 3.26 -20.32 -10.04
C ILE C 27 2.62 -21.05 -11.23
N ARG C 28 1.66 -20.44 -11.91
CA ARG C 28 1.02 -21.13 -13.02
C ARG C 28 1.98 -21.46 -14.15
N SER C 29 3.17 -20.87 -14.15
CA SER C 29 4.26 -21.21 -15.07
C SER C 29 5.34 -22.06 -14.38
N TRP C 30 4.93 -23.02 -13.58
CA TRP C 30 5.80 -23.90 -12.81
C TRP C 30 5.42 -25.35 -13.08
N PRO C 31 6.35 -26.30 -12.90
CA PRO C 31 6.07 -27.73 -13.07
C PRO C 31 4.86 -28.22 -12.28
N ALA C 35 4.11 -27.24 -8.14
CA ALA C 35 2.99 -26.35 -7.85
C ALA C 35 2.27 -26.78 -6.57
N ALA C 36 2.21 -28.09 -6.36
CA ALA C 36 1.57 -28.64 -5.16
C ALA C 36 2.46 -28.59 -3.94
N GLU C 37 3.78 -28.43 -4.14
CA GLU C 37 4.68 -28.25 -3.00
C GLU C 37 4.49 -26.90 -2.34
N VAL C 38 4.02 -25.90 -3.09
CA VAL C 38 3.88 -24.55 -2.54
C VAL C 38 2.41 -24.29 -2.19
N ARG C 39 1.69 -25.36 -1.87
CA ARG C 39 0.34 -25.23 -1.32
C ARG C 39 0.32 -24.64 0.09
N PRO C 40 1.29 -24.95 0.97
CA PRO C 40 1.28 -24.35 2.32
C PRO C 40 1.39 -22.84 2.30
N PRO C 41 2.31 -22.23 1.52
CA PRO C 41 2.32 -20.75 1.51
C PRO C 41 1.02 -20.16 1.00
N ILE C 42 0.46 -20.73 -0.08
CA ILE C 42 -0.83 -20.26 -0.58
C ILE C 42 -1.90 -20.34 0.50
N VAL C 43 -1.89 -21.41 1.29
CA VAL C 43 -2.84 -21.54 2.40
C VAL C 43 -2.60 -20.45 3.44
N ARG C 44 -1.33 -20.12 3.70
CA ARG C 44 -1.02 -19.04 4.64
C ARG C 44 -1.53 -17.70 4.11
N GLU C 45 -1.30 -17.41 2.83
CA GLU C 45 -1.73 -16.13 2.26
C GLU C 45 -3.25 -15.99 2.26
N LEU C 46 -3.98 -17.10 2.13
CA LEU C 46 -5.43 -17.05 2.27
C LEU C 46 -5.85 -16.76 3.70
N GLN C 47 -5.11 -17.32 4.68
CA GLN C 47 -5.41 -17.04 6.07
C GLN C 47 -5.15 -15.58 6.41
N TYR C 48 -4.09 -15.00 5.87
CA TYR C 48 -3.81 -13.58 6.12
C TYR C 48 -4.87 -12.70 5.49
N PHE C 49 -5.36 -13.06 4.31
CA PHE C 49 -6.40 -12.28 3.65
C PHE C 49 -7.59 -12.09 4.59
N GLN C 50 -8.06 -13.18 5.20
CA GLN C 50 -9.15 -13.09 6.15
C GLN C 50 -8.72 -12.40 7.44
N GLN C 51 -7.52 -12.71 7.93
CA GLN C 51 -7.05 -12.13 9.18
C GLN C 51 -6.88 -10.62 9.06
N HIS C 52 -6.31 -10.16 7.94
CA HIS C 52 -6.06 -8.72 7.77
C HIS C 52 -7.36 -7.95 7.65
N LEU C 53 -8.31 -8.46 6.85
CA LEU C 53 -9.59 -7.77 6.70
C LEU C 53 -10.40 -7.80 7.99
N GLN C 54 -10.25 -8.84 8.82
CA GLN C 54 -10.90 -8.83 10.13
C GLN C 54 -10.26 -7.82 11.06
N LYS C 55 -8.95 -7.58 10.91
CA LYS C 55 -8.27 -6.53 11.65
C LYS C 55 -8.82 -5.15 11.30
N LYS C 56 -9.36 -4.97 10.10
CA LYS C 56 -9.89 -3.70 9.63
C LYS C 56 -11.41 -3.63 9.70
N ASN C 57 -12.04 -4.60 10.38
CA ASN C 57 -13.47 -4.58 10.68
C ASN C 57 -14.34 -4.61 9.43
N TYR C 58 -13.85 -5.23 8.36
CA TYR C 58 -14.73 -5.38 7.22
C TYR C 58 -15.74 -6.49 7.47
N PRO C 59 -16.93 -6.39 6.87
CA PRO C 59 -18.00 -7.35 7.18
C PRO C 59 -17.58 -8.78 6.87
N GLN C 60 -17.84 -9.68 7.82
CA GLN C 60 -17.42 -11.07 7.67
C GLN C 60 -18.14 -11.76 6.51
N GLU C 61 -19.39 -11.38 6.25
CA GLU C 61 -20.11 -11.95 5.10
C GLU C 61 -19.36 -11.69 3.81
N ASP C 62 -18.82 -10.48 3.65
CA ASP C 62 -18.13 -10.12 2.42
C ASP C 62 -16.73 -10.73 2.36
N ILE C 63 -16.06 -10.83 3.50
CA ILE C 63 -14.76 -11.51 3.54
C ILE C 63 -14.91 -12.96 3.10
N ASN C 64 -15.91 -13.67 3.64
CA ASN C 64 -16.13 -15.06 3.28
C ASN C 64 -16.46 -15.21 1.80
N HIS C 65 -17.38 -14.38 1.29
CA HIS C 65 -17.74 -14.44 -0.12
C HIS C 65 -16.53 -14.18 -1.01
N LEU C 66 -15.72 -13.18 -0.67
CA LEU C 66 -14.54 -12.89 -1.48
C LEU C 66 -13.48 -13.97 -1.32
N SER C 67 -13.33 -14.51 -0.11
CA SER C 67 -12.47 -15.66 0.09
C SER C 67 -12.98 -16.86 -0.72
N TYR C 68 -14.31 -17.01 -0.79
CA TYR C 68 -14.91 -18.08 -1.60
C TYR C 68 -14.51 -17.94 -3.06
N LEU C 69 -14.48 -16.70 -3.56
CA LEU C 69 -14.09 -16.47 -4.94
C LEU C 69 -12.61 -16.76 -5.15
N LEU C 70 -11.76 -16.36 -4.20
CA LEU C 70 -10.34 -16.60 -4.33
C LEU C 70 -10.03 -18.09 -4.42
N CYS C 71 -10.70 -18.91 -3.61
CA CYS C 71 -10.45 -20.35 -3.67
C CYS C 71 -10.99 -20.94 -4.98
N THR C 72 -12.15 -20.47 -5.43
CA THR C 72 -12.70 -20.94 -6.70
C THR C 72 -11.79 -20.56 -7.88
N TYR C 73 -11.24 -19.34 -7.84
CA TYR C 73 -10.38 -18.88 -8.92
C TYR C 73 -9.07 -19.67 -8.95
N ILE C 74 -8.46 -19.89 -7.78
CA ILE C 74 -7.19 -20.60 -7.73
C ILE C 74 -7.37 -22.09 -8.03
N ASP C 75 -8.48 -22.69 -7.59
CA ASP C 75 -8.73 -24.09 -7.92
C ASP C 75 -8.90 -24.27 -9.42
N GLY C 76 -9.63 -23.36 -10.07
CA GLY C 76 -9.80 -23.43 -11.51
C GLY C 76 -8.54 -23.19 -12.32
N ILE C 77 -7.48 -22.69 -11.68
CA ILE C 77 -6.22 -22.48 -12.40
C ILE C 77 -5.40 -23.77 -12.41
N PHE C 78 -5.32 -24.47 -11.29
CA PHE C 78 -4.49 -25.66 -11.17
C PHE C 78 -5.28 -26.96 -11.38
N ASN C 79 -6.58 -26.88 -11.69
CA ASN C 79 -7.41 -28.05 -11.89
C ASN C 79 -8.30 -27.83 -13.10
N GLY C 80 -9.02 -28.88 -13.48
CA GLY C 80 -9.92 -28.82 -14.62
C GLY C 80 -11.29 -28.28 -14.28
N ASN C 88 -8.93 -33.41 -1.20
CA ASN C 88 -8.54 -32.60 -0.05
C ASN C 88 -7.55 -31.52 -0.46
N GLN C 89 -6.86 -31.74 -1.58
CA GLN C 89 -5.96 -30.72 -2.09
C GLN C 89 -6.69 -29.44 -2.48
N SER C 90 -8.00 -29.50 -2.64
CA SER C 90 -8.77 -28.32 -3.03
C SER C 90 -8.75 -27.27 -1.92
N LEU C 91 -8.57 -26.02 -2.33
CA LEU C 91 -8.57 -24.92 -1.35
C LEU C 91 -9.98 -24.54 -0.93
N LEU C 92 -10.94 -24.59 -1.87
CA LEU C 92 -12.32 -24.33 -1.51
C LEU C 92 -12.83 -25.36 -0.51
N VAL C 93 -12.40 -26.61 -0.63
CA VAL C 93 -12.79 -27.64 0.34
C VAL C 93 -12.21 -27.33 1.71
N GLU C 94 -10.91 -27.02 1.75
CA GLU C 94 -10.25 -26.79 3.04
C GLU C 94 -10.81 -25.55 3.75
N PHE C 95 -11.14 -24.51 2.98
CA PHE C 95 -11.56 -23.24 3.56
C PHE C 95 -13.07 -23.06 3.63
N HIS C 96 -13.83 -23.67 2.72
CA HIS C 96 -15.28 -23.48 2.72
C HIS C 96 -16.08 -24.78 2.63
N ARG C 97 -15.43 -25.94 2.74
CA ARG C 97 -16.09 -27.25 2.69
C ARG C 97 -17.05 -27.36 1.50
N ASP C 98 -16.65 -26.77 0.37
CA ASP C 98 -17.38 -26.88 -0.88
C ASP C 98 -16.41 -27.34 -1.95
N ALA C 99 -16.87 -28.21 -2.84
CA ALA C 99 -15.99 -28.80 -3.83
C ALA C 99 -15.92 -28.02 -5.13
N TRP C 100 -16.95 -27.24 -5.46
CA TRP C 100 -16.92 -26.43 -6.68
C TRP C 100 -17.70 -25.15 -6.47
N GLY C 101 -17.08 -24.02 -6.81
CA GLY C 101 -17.71 -22.73 -6.60
C GLY C 101 -18.07 -21.97 -7.86
N GLY C 102 -17.77 -22.56 -9.02
CA GLY C 102 -17.97 -21.89 -10.30
C GLY C 102 -19.39 -21.47 -10.60
N GLU C 103 -20.36 -21.91 -9.78
CA GLU C 103 -21.75 -21.52 -9.92
C GLU C 103 -22.22 -20.60 -8.81
N ASP C 104 -21.83 -20.88 -7.56
CA ASP C 104 -22.28 -20.06 -6.43
C ASP C 104 -21.59 -18.71 -6.42
N CYS C 105 -20.37 -18.61 -6.95
CA CYS C 105 -19.70 -17.33 -7.07
C CYS C 105 -20.55 -16.33 -7.83
N PHE C 106 -21.21 -16.78 -8.90
CA PHE C 106 -22.06 -15.91 -9.70
C PHE C 106 -23.39 -15.63 -9.03
N GLU C 107 -23.85 -16.50 -8.13
CA GLU C 107 -25.03 -16.17 -7.34
C GLU C 107 -24.70 -15.16 -6.24
N HIS C 108 -23.49 -15.23 -5.69
CA HIS C 108 -23.04 -14.20 -4.76
C HIS C 108 -22.97 -12.84 -5.46
N LEU C 109 -22.37 -12.82 -6.66
CA LEU C 109 -22.19 -11.58 -7.40
C LEU C 109 -23.53 -10.93 -7.75
N ARG C 110 -24.49 -11.73 -8.22
CA ARG C 110 -25.79 -11.18 -8.60
C ARG C 110 -26.47 -10.49 -7.42
N VAL C 111 -26.23 -10.96 -6.19
CA VAL C 111 -26.80 -10.30 -5.02
C VAL C 111 -26.13 -8.95 -4.79
N TYR C 112 -24.81 -8.90 -4.91
CA TYR C 112 -24.10 -7.63 -4.76
C TYR C 112 -24.53 -6.64 -5.85
N ASN C 114 -27.25 -6.28 -7.13
CA ASN C 114 -28.56 -5.73 -6.82
C ASN C 114 -28.49 -4.43 -6.03
N SER C 115 -27.35 -4.14 -5.40
CA SER C 115 -27.14 -2.89 -4.66
C SER C 115 -25.78 -2.35 -5.05
N PRO C 116 -25.67 -1.72 -6.22
CA PRO C 116 -24.34 -1.36 -6.75
C PRO C 116 -23.55 -0.42 -5.84
N LYS C 117 -24.17 0.69 -5.41
CA LYS C 117 -23.43 1.67 -4.60
C LYS C 117 -23.03 1.11 -3.25
N GLN C 118 -23.88 0.27 -2.66
CA GLN C 118 -23.59 -0.26 -1.33
C GLN C 118 -22.39 -1.19 -1.32
N TYR C 119 -22.11 -1.87 -2.43
CA TYR C 119 -21.05 -2.88 -2.48
C TYR C 119 -20.03 -2.57 -3.58
N ARG C 120 -19.64 -1.30 -3.72
CA ARG C 120 -18.72 -0.94 -4.79
C ARG C 120 -17.38 -1.63 -4.62
N GLU C 121 -16.81 -1.60 -3.41
CA GLU C 121 -15.49 -2.20 -3.22
C GLU C 121 -15.51 -3.71 -3.43
N VAL C 122 -16.62 -4.37 -3.08
CA VAL C 122 -16.73 -5.81 -3.36
C VAL C 122 -16.81 -6.06 -4.86
N LEU C 123 -17.63 -5.26 -5.57
CA LEU C 123 -17.83 -5.47 -6.99
C LEU C 123 -16.56 -5.22 -7.79
N GLU C 124 -15.75 -4.21 -7.39
CA GLU C 124 -14.47 -4.01 -8.04
C GLU C 124 -13.57 -5.23 -7.88
N PHE C 125 -13.67 -5.91 -6.75
CA PHE C 125 -12.93 -7.15 -6.55
C PHE C 125 -13.39 -8.23 -7.53
N TYR C 126 -14.71 -8.43 -7.65
CA TYR C 126 -15.23 -9.39 -8.62
C TYR C 126 -14.80 -9.02 -10.03
N ASP C 127 -14.92 -7.74 -10.39
CA ASP C 127 -14.51 -7.28 -11.72
C ASP C 127 -13.05 -7.62 -11.99
N LEU C 128 -12.18 -7.45 -10.98
CA LEU C 128 -10.76 -7.78 -11.16
C LEU C 128 -10.55 -9.28 -11.33
N ILE C 129 -11.18 -10.10 -10.48
CA ILE C 129 -10.96 -11.54 -10.56
C ILE C 129 -11.37 -12.06 -11.94
N CYS C 131 -11.28 -10.31 -14.58
CA CYS C 131 -10.27 -9.78 -15.49
C CYS C 131 -9.05 -10.70 -15.56
N LEU C 132 -8.73 -11.38 -14.45
CA LEU C 132 -7.61 -12.31 -14.42
C LEU C 132 -7.93 -13.65 -15.06
N GLY C 133 -9.15 -13.85 -15.52
CA GLY C 133 -9.53 -15.03 -16.26
C GLY C 133 -10.45 -16.02 -15.56
N PHE C 134 -11.22 -15.57 -14.58
CA PHE C 134 -12.14 -16.46 -13.88
C PHE C 134 -13.42 -16.63 -14.69
N ASP C 135 -13.72 -17.86 -15.10
CA ASP C 135 -14.91 -18.19 -15.88
C ASP C 135 -15.95 -18.98 -15.11
N GLY C 136 -15.52 -19.94 -14.30
CA GLY C 136 -16.49 -20.67 -13.48
C GLY C 136 -17.40 -21.55 -14.31
N LYS C 137 -18.71 -21.36 -14.14
CA LYS C 137 -19.68 -22.19 -14.82
C LYS C 137 -19.79 -21.88 -16.31
N TYR C 138 -19.30 -20.72 -16.75
CA TYR C 138 -19.41 -20.36 -18.16
C TYR C 138 -18.43 -21.14 -19.04
N GLN C 139 -17.48 -21.86 -18.43
CA GLN C 139 -16.59 -22.72 -19.19
C GLN C 139 -17.30 -23.94 -19.77
N ILE C 141 -20.87 -23.97 -20.35
CA ILE C 141 -22.18 -23.55 -20.85
C ILE C 141 -22.08 -23.26 -22.33
N GLU C 142 -23.09 -23.69 -23.08
CA GLU C 142 -23.21 -23.31 -24.48
C GLU C 142 -23.31 -21.79 -24.61
N HIS C 143 -22.52 -21.22 -25.52
CA HIS C 143 -22.38 -19.77 -25.65
C HIS C 143 -21.86 -19.14 -24.35
N GLY C 144 -21.07 -19.89 -23.59
CA GLY C 144 -20.62 -19.42 -22.30
C GLY C 144 -19.76 -18.18 -22.36
N ALA C 145 -18.95 -18.05 -23.42
CA ALA C 145 -18.07 -16.88 -23.53
C ALA C 145 -18.87 -15.61 -23.78
N VAL C 146 -19.86 -15.67 -24.67
CA VAL C 146 -20.72 -14.51 -24.93
C VAL C 146 -21.43 -14.07 -23.66
N LEU C 147 -21.92 -15.03 -22.87
CA LEU C 147 -22.65 -14.70 -21.66
C LEU C 147 -21.74 -14.08 -20.61
N LEU C 148 -20.53 -14.64 -20.43
CA LEU C 148 -19.60 -14.08 -19.47
C LEU C 148 -19.16 -12.68 -19.86
N ASP C 150 -20.72 -10.48 -21.61
CA ASP C 150 -21.82 -9.56 -21.34
C ASP C 150 -21.97 -9.27 -19.85
N LEU C 151 -21.63 -10.25 -19.00
CA LEU C 151 -21.67 -10.00 -17.56
C LEU C 151 -20.57 -9.04 -17.14
N ARG C 152 -19.35 -9.25 -17.66
CA ARG C 152 -18.24 -8.35 -17.34
C ARG C 152 -18.49 -6.94 -17.88
N SER C 153 -19.16 -6.84 -19.04
CA SER C 153 -19.45 -5.52 -19.59
C SER C 153 -20.43 -4.75 -18.72
N ARG C 154 -21.50 -5.42 -18.28
CA ARG C 154 -22.50 -4.76 -17.45
C ARG C 154 -21.95 -4.38 -16.08
N LEU C 155 -20.99 -5.14 -15.57
CA LEU C 155 -20.38 -4.79 -14.29
C LEU C 155 -19.35 -3.67 -14.45
N HIS C 156 -18.55 -3.73 -15.51
CA HIS C 156 -17.53 -2.71 -15.74
C HIS C 156 -18.17 -1.35 -15.99
N THR C 157 -19.30 -1.32 -16.70
CA THR C 157 -20.04 -0.07 -16.90
C THR C 157 -20.66 0.41 -15.60
N GLN C 158 -21.20 -0.51 -14.80
CA GLN C 158 -21.74 -0.15 -13.49
C GLN C 158 -20.69 0.53 -12.62
N LEU C 159 -19.42 0.15 -12.79
CA LEU C 159 -18.32 0.64 -11.96
C LEU C 159 -17.59 1.83 -12.57
N TYR C 160 -17.25 1.75 -13.87
CA TYR C 160 -16.31 2.69 -14.46
C TYR C 160 -16.83 3.44 -15.67
N GLY C 161 -17.93 3.00 -16.28
CA GLY C 161 -18.48 3.68 -17.43
C GLY C 161 -18.19 2.95 -18.73
N GLN C 162 -18.80 3.46 -19.81
CA GLN C 162 -18.72 2.80 -21.11
C GLN C 162 -17.33 2.89 -21.70
N ASP C 163 -16.67 4.04 -21.54
CA ASP C 163 -15.34 4.23 -22.15
C ASP C 163 -14.32 3.27 -21.55
N ALA C 164 -14.50 2.86 -20.30
CA ALA C 164 -13.62 1.84 -19.73
C ALA C 164 -13.92 0.48 -20.32
N THR C 165 -15.21 0.16 -20.54
CA THR C 165 -15.59 -1.16 -21.01
C THR C 165 -15.05 -1.46 -22.40
N GLN C 166 -14.92 -0.44 -23.24
CA GLN C 166 -14.41 -0.61 -24.59
C GLN C 166 -12.88 -0.62 -24.60
N ALA D 3 16.33 -37.29 15.64
CA ALA D 3 16.74 -37.99 14.43
C ALA D 3 16.85 -37.01 13.27
N LEU D 5 14.90 -36.81 10.58
CA LEU D 5 13.57 -36.34 10.22
C LEU D 5 12.59 -36.55 11.37
N LEU D 6 12.83 -37.59 12.18
CA LEU D 6 11.90 -37.90 13.27
C LEU D 6 12.06 -36.92 14.42
N GLY D 7 13.29 -36.67 14.87
CA GLY D 7 13.50 -35.70 15.91
C GLY D 7 13.14 -34.28 15.49
N ALA D 8 13.34 -33.96 14.21
CA ALA D 8 12.99 -32.64 13.70
C ALA D 8 11.49 -32.48 13.46
N TRP D 9 10.72 -33.54 13.62
CA TRP D 9 9.28 -33.46 13.40
C TRP D 9 8.58 -32.69 14.52
N ASP D 10 9.13 -32.73 15.74
CA ASP D 10 8.57 -31.99 16.86
C ASP D 10 9.26 -30.65 17.08
N ASN D 11 9.96 -30.14 16.07
CA ASN D 11 10.71 -28.89 16.19
C ASN D 11 9.79 -27.72 15.82
N ALA D 12 9.49 -26.87 16.81
CA ALA D 12 8.60 -25.74 16.56
C ALA D 12 9.25 -24.69 15.67
N TYR D 13 10.57 -24.50 15.79
CA TYR D 13 11.28 -23.60 14.90
C TYR D 13 11.12 -24.01 13.45
N ILE D 14 11.32 -25.31 13.17
CA ILE D 14 11.23 -25.81 11.80
C ILE D 14 9.79 -25.72 11.29
N ALA D 15 8.81 -26.06 12.14
CA ALA D 15 7.43 -26.06 11.69
C ALA D 15 6.93 -24.66 11.36
N ALA D 16 7.42 -23.64 12.07
CA ALA D 16 7.03 -22.27 11.77
C ALA D 16 7.71 -21.74 10.51
N ALA D 17 8.83 -22.35 10.10
CA ALA D 17 9.59 -21.86 8.96
C ALA D 17 9.33 -22.65 7.68
N PRO D 19 6.66 -23.60 5.57
CA PRO D 19 5.98 -23.04 4.39
C PRO D 19 6.78 -21.96 3.70
N LEU D 20 7.75 -21.34 4.39
CA LEU D 20 8.65 -20.40 3.73
C LEU D 20 9.81 -21.13 3.06
N LEU D 21 10.34 -22.17 3.69
CA LEU D 21 11.40 -22.94 3.07
C LEU D 21 10.92 -23.63 1.81
N LEU D 22 9.69 -24.14 1.82
CA LEU D 22 9.10 -24.71 0.61
C LEU D 22 8.97 -23.66 -0.49
N LEU D 23 8.51 -22.46 -0.14
CA LEU D 23 8.34 -21.41 -1.14
C LEU D 23 9.68 -21.05 -1.78
N VAL D 24 10.69 -20.83 -0.96
CA VAL D 24 12.00 -20.42 -1.47
C VAL D 24 12.64 -21.53 -2.28
N GLU D 25 12.43 -22.79 -1.89
CA GLU D 25 13.10 -23.90 -2.58
C GLU D 25 12.55 -24.13 -3.98
N ASN D 26 11.28 -23.79 -4.21
CA ASN D 26 10.71 -23.90 -5.55
C ASN D 26 11.01 -22.69 -6.42
N ILE D 27 11.16 -21.51 -5.82
CA ILE D 27 11.47 -20.31 -6.60
C ILE D 27 12.86 -20.43 -7.24
N ARG D 28 13.86 -20.78 -6.43
CA ARG D 28 15.22 -20.94 -6.91
C ARG D 28 15.32 -22.04 -7.98
N ASN D 34 11.14 -11.72 -12.19
CA ASN D 34 9.77 -11.86 -11.70
C ASN D 34 9.76 -12.41 -10.28
N ALA D 35 10.90 -12.91 -9.82
CA ALA D 35 11.02 -13.45 -8.48
C ALA D 35 10.99 -12.38 -7.40
N ALA D 36 10.94 -11.10 -7.77
CA ALA D 36 10.81 -10.02 -6.80
C ALA D 36 9.35 -9.71 -6.47
N GLU D 37 8.41 -10.19 -7.26
CA GLU D 37 6.99 -9.98 -6.99
C GLU D 37 6.44 -10.94 -5.95
N VAL D 38 7.27 -11.80 -5.38
CA VAL D 38 6.85 -12.71 -4.32
C VAL D 38 7.44 -12.30 -2.98
N ARG D 39 7.94 -11.08 -2.87
CA ARG D 39 8.57 -10.58 -1.65
C ARG D 39 7.56 -10.34 -0.52
N PRO D 40 6.37 -9.79 -0.76
CA PRO D 40 5.39 -9.62 0.33
C PRO D 40 4.99 -10.94 0.97
N PRO D 41 4.81 -12.04 0.20
CA PRO D 41 4.58 -13.33 0.88
C PRO D 41 5.74 -13.77 1.75
N ILE D 42 6.98 -13.52 1.34
CA ILE D 42 8.13 -13.93 2.14
C ILE D 42 8.22 -13.09 3.41
N VAL D 43 7.96 -11.78 3.29
CA VAL D 43 7.95 -10.90 4.46
C VAL D 43 6.90 -11.36 5.47
N ARG D 44 5.71 -11.70 4.98
CA ARG D 44 4.66 -12.20 5.85
C ARG D 44 5.10 -13.45 6.60
N GLU D 45 5.90 -14.29 5.95
CA GLU D 45 6.33 -15.54 6.57
C GLU D 45 7.34 -15.29 7.68
N LEU D 46 8.27 -14.37 7.45
CA LEU D 46 9.23 -14.01 8.50
C LEU D 46 8.53 -13.30 9.66
N GLN D 47 7.54 -12.45 9.34
CA GLN D 47 6.75 -11.84 10.40
C GLN D 47 5.99 -12.90 11.19
N TYR D 48 5.37 -13.85 10.49
CA TYR D 48 4.70 -14.96 11.16
C TYR D 48 5.69 -15.74 12.03
N PHE D 49 6.86 -16.05 11.48
CA PHE D 49 7.90 -16.74 12.24
C PHE D 49 8.13 -16.06 13.59
N GLN D 50 8.18 -14.73 13.59
CA GLN D 50 8.37 -13.99 14.83
C GLN D 50 7.10 -13.98 15.68
N GLN D 51 5.96 -13.71 15.06
CA GLN D 51 4.70 -13.62 15.81
C GLN D 51 4.34 -14.96 16.43
N HIS D 52 4.45 -16.04 15.65
CA HIS D 52 4.02 -17.34 16.15
C HIS D 52 4.87 -17.81 17.32
N LEU D 53 6.19 -17.80 17.15
CA LEU D 53 7.09 -18.27 18.21
C LEU D 53 7.08 -17.38 19.44
N GLN D 54 6.55 -16.16 19.34
CA GLN D 54 6.37 -15.33 20.53
C GLN D 54 5.20 -15.82 21.37
N LYS D 55 4.12 -16.27 20.71
CA LYS D 55 2.96 -16.79 21.44
C LYS D 55 3.33 -18.00 22.28
N LYS D 56 4.20 -18.87 21.75
CA LYS D 56 4.69 -20.03 22.48
C LYS D 56 5.81 -19.69 23.45
N ASN D 57 6.18 -18.41 23.55
CA ASN D 57 7.12 -17.92 24.57
C ASN D 57 8.50 -18.56 24.46
N TYR D 58 8.97 -18.75 23.23
CA TYR D 58 10.35 -19.13 23.03
C TYR D 58 11.25 -17.91 23.25
N PRO D 59 12.52 -18.14 23.62
CA PRO D 59 13.40 -17.00 23.94
C PRO D 59 13.55 -16.05 22.76
N GLN D 60 13.44 -14.75 23.05
CA GLN D 60 13.50 -13.76 21.98
C GLN D 60 14.87 -13.71 21.34
N GLU D 61 15.92 -14.06 22.09
CA GLU D 61 17.27 -14.13 21.51
C GLU D 61 17.35 -15.22 20.46
N ASP D 62 16.85 -16.42 20.79
CA ASP D 62 16.92 -17.53 19.84
C ASP D 62 16.01 -17.31 18.64
N ILE D 63 14.85 -16.70 18.84
CA ILE D 63 13.97 -16.38 17.73
C ILE D 63 14.64 -15.39 16.77
N ASN D 64 15.30 -14.37 17.33
CA ASN D 64 15.99 -13.38 16.49
C ASN D 64 17.16 -14.01 15.73
N HIS D 65 17.92 -14.89 16.38
CA HIS D 65 19.08 -15.49 15.73
C HIS D 65 18.66 -16.39 14.58
N LEU D 66 17.59 -17.16 14.76
CA LEU D 66 17.11 -18.01 13.67
C LEU D 66 16.46 -17.18 12.58
N SER D 67 15.78 -16.09 12.95
CA SER D 67 15.27 -15.16 11.96
C SER D 67 16.42 -14.52 11.17
N TYR D 68 17.49 -14.14 11.88
CA TYR D 68 18.69 -13.63 11.22
C TYR D 68 19.23 -14.65 10.23
N LEU D 69 19.25 -15.93 10.61
CA LEU D 69 19.69 -16.98 9.71
C LEU D 69 18.81 -17.06 8.48
N LEU D 70 17.49 -17.09 8.67
CA LEU D 70 16.56 -17.17 7.54
C LEU D 70 16.76 -16.02 6.56
N CYS D 71 16.88 -14.79 7.08
CA CYS D 71 17.09 -13.64 6.19
C CYS D 71 18.41 -13.76 5.44
N THR D 72 19.49 -14.08 6.16
CA THR D 72 20.79 -14.25 5.52
C THR D 72 20.76 -15.33 4.45
N TYR D 73 20.07 -16.44 4.73
CA TYR D 73 20.01 -17.56 3.79
C TYR D 73 19.18 -17.19 2.56
N ILE D 74 18.00 -16.60 2.77
CA ILE D 74 17.16 -16.20 1.65
C ILE D 74 17.84 -15.13 0.81
N ASP D 75 18.56 -14.19 1.47
CA ASP D 75 19.26 -13.15 0.73
C ASP D 75 20.31 -13.75 -0.21
N GLY D 76 21.08 -14.73 0.28
CA GLY D 76 22.08 -15.38 -0.56
C GLY D 76 21.51 -16.08 -1.77
N ILE D 77 20.20 -16.36 -1.77
CA ILE D 77 19.60 -17.04 -2.91
C ILE D 77 19.18 -16.04 -3.99
N PHE D 78 18.72 -14.85 -3.60
CA PHE D 78 18.45 -13.81 -4.60
C PHE D 78 19.74 -13.17 -5.09
N ASN D 79 20.57 -12.69 -4.16
CA ASN D 79 21.86 -12.12 -4.50
C ASN D 79 22.98 -13.12 -4.22
N ASN D 88 15.44 -1.78 0.24
CA ASN D 88 14.49 -2.05 -0.82
C ASN D 88 14.38 -3.55 -1.07
N GLN D 89 15.53 -4.19 -1.25
CA GLN D 89 15.60 -5.61 -1.56
C GLN D 89 15.91 -6.47 -0.35
N SER D 90 16.88 -6.08 0.48
CA SER D 90 17.44 -6.96 1.48
C SER D 90 16.44 -7.28 2.59
N LEU D 91 16.25 -8.58 2.87
CA LEU D 91 15.43 -9.00 3.99
C LEU D 91 16.18 -8.83 5.31
N LEU D 92 17.49 -9.08 5.32
CA LEU D 92 18.27 -8.89 6.53
C LEU D 92 18.26 -7.43 6.97
N VAL D 93 18.32 -6.50 6.01
CA VAL D 93 18.28 -5.08 6.34
C VAL D 93 16.91 -4.70 6.88
N GLU D 94 15.85 -5.11 6.18
CA GLU D 94 14.49 -4.77 6.62
C GLU D 94 14.23 -5.30 8.04
N PHE D 95 14.57 -6.55 8.30
CA PHE D 95 14.24 -7.17 9.58
C PHE D 95 15.32 -7.01 10.64
N HIS D 96 16.60 -6.98 10.27
CA HIS D 96 17.67 -6.92 11.26
C HIS D 96 18.65 -5.78 11.06
N ARG D 97 18.44 -4.92 10.07
CA ARG D 97 19.26 -3.72 9.86
C ARG D 97 20.74 -4.07 9.69
N ASP D 98 21.02 -5.23 9.13
CA ASP D 98 22.37 -5.67 8.82
C ASP D 98 22.45 -5.95 7.33
N ALA D 99 23.54 -5.52 6.69
CA ALA D 99 23.66 -5.70 5.25
C ALA D 99 24.06 -7.12 4.88
N TRP D 100 25.12 -7.63 5.50
CA TRP D 100 25.61 -8.98 5.23
C TRP D 100 25.64 -9.80 6.52
N GLY D 101 25.06 -10.99 6.49
CA GLY D 101 24.96 -11.82 7.67
C GLY D 101 25.70 -13.14 7.58
N GLY D 102 26.41 -13.35 6.48
CA GLY D 102 27.13 -14.59 6.25
C GLY D 102 28.21 -14.90 7.28
N GLU D 103 28.65 -13.89 8.03
CA GLU D 103 29.65 -14.05 9.07
C GLU D 103 29.03 -14.12 10.46
N ASP D 104 28.08 -13.21 10.76
CA ASP D 104 27.46 -13.19 12.08
C ASP D 104 26.64 -14.46 12.33
N CYS D 105 26.09 -15.06 11.27
CA CYS D 105 25.33 -16.30 11.45
C CYS D 105 26.17 -17.41 12.08
N PHE D 106 27.47 -17.46 11.77
CA PHE D 106 28.33 -18.50 12.30
C PHE D 106 28.95 -18.14 13.63
N GLU D 107 28.92 -16.86 14.01
CA GLU D 107 29.27 -16.50 15.39
C GLU D 107 28.15 -16.87 16.34
N HIS D 108 26.90 -16.72 15.90
CA HIS D 108 25.76 -17.18 16.69
C HIS D 108 25.78 -18.70 16.84
N LEU D 109 26.12 -19.41 15.77
CA LEU D 109 26.18 -20.88 15.83
C LEU D 109 27.28 -21.34 16.78
N ARG D 110 28.44 -20.69 16.75
CA ARG D 110 29.54 -21.10 17.62
C ARG D 110 29.15 -21.01 19.09
N VAL D 111 28.36 -20.00 19.46
CA VAL D 111 27.91 -19.86 20.83
C VAL D 111 26.92 -20.96 21.19
N TYR D 112 25.99 -21.27 20.28
CA TYR D 112 25.02 -22.32 20.54
C TYR D 112 25.70 -23.68 20.68
N ASN D 114 28.49 -24.40 21.90
CA ASN D 114 29.22 -24.56 23.14
C ASN D 114 28.37 -25.22 24.22
N SER D 115 27.05 -25.02 24.17
CA SER D 115 26.11 -25.67 25.07
C SER D 115 25.17 -26.51 24.20
N PRO D 116 25.56 -27.74 23.85
CA PRO D 116 24.73 -28.51 22.92
C PRO D 116 23.41 -28.97 23.52
N LYS D 117 23.41 -29.47 24.76
CA LYS D 117 22.18 -29.97 25.36
C LYS D 117 21.14 -28.87 25.52
N GLN D 118 21.58 -27.64 25.81
CA GLN D 118 20.65 -26.55 26.04
C GLN D 118 20.01 -26.04 24.76
N TYR D 119 20.70 -26.13 23.63
CA TYR D 119 20.22 -25.55 22.38
C TYR D 119 19.98 -26.61 21.32
N ARG D 120 19.38 -27.73 21.71
CA ARG D 120 19.09 -28.81 20.77
C ARG D 120 18.20 -28.34 19.63
N GLU D 121 17.07 -27.70 19.96
CA GLU D 121 16.12 -27.29 18.93
C GLU D 121 16.72 -26.24 18.00
N VAL D 122 17.49 -25.30 18.55
CA VAL D 122 18.14 -24.27 17.74
C VAL D 122 19.15 -24.91 16.79
N LEU D 123 19.93 -25.86 17.30
CA LEU D 123 20.96 -26.50 16.47
C LEU D 123 20.37 -27.41 15.41
N GLU D 124 19.17 -27.97 15.65
CA GLU D 124 18.50 -28.70 14.59
C GLU D 124 18.11 -27.77 13.44
N PHE D 125 17.84 -26.50 13.73
CA PHE D 125 17.46 -25.55 12.70
C PHE D 125 18.65 -25.16 11.83
N TYR D 126 19.78 -24.83 12.47
CA TYR D 126 21.01 -24.57 11.72
C TYR D 126 21.40 -25.75 10.85
N ASP D 127 21.22 -26.97 11.37
CA ASP D 127 21.57 -28.17 10.62
C ASP D 127 20.72 -28.30 9.36
N LEU D 128 19.42 -28.04 9.47
CA LEU D 128 18.54 -28.07 8.30
C LEU D 128 18.90 -26.98 7.30
N ILE D 129 19.21 -25.77 7.79
CA ILE D 129 19.46 -24.65 6.88
C ILE D 129 20.74 -24.89 6.09
N CYS D 131 21.90 -27.80 5.49
CA CYS D 131 21.57 -28.90 4.60
C CYS D 131 20.94 -28.40 3.32
N LEU D 132 20.18 -27.30 3.39
CA LEU D 132 19.57 -26.69 2.22
C LEU D 132 20.56 -25.89 1.37
N GLY D 133 21.83 -25.83 1.77
CA GLY D 133 22.87 -25.24 0.94
C GLY D 133 23.42 -23.91 1.41
N PHE D 134 23.00 -23.41 2.58
CA PHE D 134 23.51 -22.14 3.08
C PHE D 134 25.00 -22.27 3.40
N ASP D 135 25.79 -21.28 2.97
CA ASP D 135 27.24 -21.30 3.12
C ASP D 135 27.79 -19.98 3.65
N GLY D 136 27.10 -18.87 3.36
CA GLY D 136 27.46 -17.59 3.95
C GLY D 136 28.89 -17.19 3.65
N LYS D 137 29.68 -16.96 4.71
CA LYS D 137 31.05 -16.49 4.56
C LYS D 137 31.95 -17.50 3.86
N TYR D 138 31.61 -18.79 3.88
CA TYR D 138 32.48 -19.78 3.26
C TYR D 138 32.45 -19.73 1.74
N GLN D 139 31.55 -18.94 1.15
CA GLN D 139 31.66 -18.64 -0.28
C GLN D 139 32.96 -17.93 -0.63
N ILE D 141 35.98 -17.79 1.61
CA ILE D 141 37.17 -18.28 2.31
C ILE D 141 37.77 -19.41 1.50
N GLU D 142 39.10 -19.41 1.36
CA GLU D 142 39.77 -20.48 0.64
C GLU D 142 39.47 -21.82 1.30
N HIS D 143 39.24 -22.84 0.46
CA HIS D 143 38.79 -24.16 0.89
C HIS D 143 37.48 -24.07 1.67
N GLY D 144 36.59 -23.18 1.22
CA GLY D 144 35.35 -22.94 1.95
C GLY D 144 34.50 -24.19 2.10
N ALA D 145 34.36 -24.97 1.01
CA ALA D 145 33.54 -26.17 1.07
C ALA D 145 34.11 -27.18 2.06
N VAL D 146 35.43 -27.35 2.07
CA VAL D 146 36.08 -28.26 3.02
C VAL D 146 35.83 -27.80 4.45
N LEU D 147 36.02 -26.50 4.71
CA LEU D 147 35.79 -25.97 6.05
C LEU D 147 34.32 -26.07 6.44
N LEU D 148 33.42 -25.79 5.51
CA LEU D 148 31.99 -25.84 5.80
C LEU D 148 31.50 -27.26 6.03
N ASP D 150 33.39 -29.86 7.34
CA ASP D 150 33.88 -30.25 8.67
C ASP D 150 33.02 -29.62 9.77
N LEU D 151 32.59 -28.38 9.58
CA LEU D 151 31.68 -27.75 10.53
C LEU D 151 30.35 -28.52 10.59
N ARG D 152 29.83 -28.92 9.43
CA ARG D 152 28.58 -29.68 9.42
C ARG D 152 28.74 -31.06 10.05
N SER D 153 29.93 -31.67 9.91
CA SER D 153 30.15 -32.98 10.50
C SER D 153 30.24 -32.91 12.02
N ARG D 154 30.84 -31.84 12.55
CA ARG D 154 30.95 -31.68 13.99
C ARG D 154 29.59 -31.41 14.63
N LEU D 155 28.76 -30.59 13.98
CA LEU D 155 27.41 -30.37 14.46
C LEU D 155 26.57 -31.63 14.33
N HIS D 156 26.79 -32.40 13.25
CA HIS D 156 26.02 -33.62 13.04
C HIS D 156 26.35 -34.67 14.08
N THR D 157 27.65 -34.85 14.39
CA THR D 157 28.05 -35.75 15.46
C THR D 157 27.55 -35.25 16.82
N GLN D 158 27.49 -33.93 16.99
CA GLN D 158 27.01 -33.36 18.25
C GLN D 158 25.52 -33.65 18.45
N LEU D 159 24.75 -33.65 17.36
CA LEU D 159 23.31 -33.90 17.46
C LEU D 159 22.96 -35.38 17.37
N TYR D 160 23.74 -36.17 16.65
CA TYR D 160 23.39 -37.56 16.40
C TYR D 160 24.59 -38.49 16.63
N GLY D 161 25.45 -38.62 15.62
CA GLY D 161 26.62 -39.48 15.73
C GLY D 161 27.20 -39.90 14.40
#